data_1L1K
#
_entry.id   1L1K
#
_entity_poly.entity_id   1
_entity_poly.type   'polypeptide(L)'
_entity_poly.pdbx_seq_one_letter_code
;KKAVINGEQIRSISDLHQTL
;
_entity_poly.pdbx_strand_id   A
#
# COMPACT_ATOMS: atom_id res chain seq x y z
N LYS A 1 -11.56 -7.24 1.47
CA LYS A 1 -10.27 -6.75 1.01
C LYS A 1 -9.83 -5.57 1.87
N LYS A 2 -9.21 -5.91 3.00
CA LYS A 2 -8.74 -4.90 3.92
C LYS A 2 -7.38 -5.32 4.49
N ALA A 3 -6.55 -4.32 4.77
CA ALA A 3 -5.23 -4.58 5.31
C ALA A 3 -5.14 -4.00 6.72
N VAL A 4 -4.42 -4.72 7.57
CA VAL A 4 -4.25 -4.29 8.96
C VAL A 4 -3.11 -3.29 9.03
N ILE A 5 -3.14 -2.47 10.08
CA ILE A 5 -2.12 -1.47 10.29
C ILE A 5 -1.97 -1.18 11.78
N ASN A 6 -0.74 -1.25 12.25
CA ASN A 6 -0.46 -1.00 13.66
C ASN A 6 0.59 0.11 13.77
N GLY A 7 0.28 1.09 14.62
CA GLY A 7 1.18 2.22 14.82
C GLY A 7 0.40 3.52 14.92
N GLU A 8 0.06 3.88 16.15
CA GLU A 8 -0.68 5.10 16.40
C GLU A 8 0.24 6.16 17.02
N GLN A 9 0.02 7.40 16.61
CA GLN A 9 0.81 8.51 17.10
C GLN A 9 0.24 9.85 16.63
N ILE A 10 -0.03 10.72 17.58
CA ILE A 10 -0.59 12.02 17.27
C ILE A 10 0.48 13.09 17.50
N ARG A 11 1.62 12.91 16.83
CA ARG A 11 2.71 13.84 16.95
C ARG A 11 2.57 14.96 15.92
N SER A 12 1.32 15.37 15.71
CA SER A 12 1.04 16.43 14.75
C SER A 12 1.03 17.79 15.47
N ILE A 13 2.23 18.33 15.65
CA ILE A 13 2.38 19.61 16.32
C ILE A 13 2.89 20.64 15.32
N SER A 14 2.59 21.91 15.61
CA SER A 14 3.01 22.99 14.74
C SER A 14 2.41 22.81 13.34
N ASP A 15 1.32 23.53 13.10
CA ASP A 15 0.64 23.46 11.83
C ASP A 15 1.17 24.58 10.92
N LEU A 16 2.36 25.06 11.25
CA LEU A 16 2.98 26.11 10.47
C LEU A 16 2.70 25.88 8.99
N HIS A 17 3.12 24.72 8.51
CA HIS A 17 2.93 24.37 7.11
C HIS A 17 1.84 23.30 7.00
N GLN A 18 0.90 23.35 7.94
CA GLN A 18 -0.19 22.40 7.95
C GLN A 18 -1.52 23.11 8.27
N THR A 19 -2.58 22.32 8.30
CA THR A 19 -3.90 22.87 8.59
C THR A 19 -4.76 21.81 9.28
N LEU A 20 -5.52 22.27 10.27
CA LEU A 20 -6.40 21.38 11.01
C LEU A 20 -7.69 21.17 10.23
N LYS A 1 -11.56 -7.24 1.47
CA LYS A 1 -10.27 -6.75 1.01
C LYS A 1 -10.00 -5.36 1.61
N LYS A 2 -9.89 -5.35 2.92
CA LYS A 2 -9.64 -4.11 3.64
C LYS A 2 -9.49 -4.40 5.13
N ALA A 3 -8.25 -4.60 5.55
CA ALA A 3 -7.96 -4.88 6.94
C ALA A 3 -7.27 -3.67 7.57
N VAL A 4 -7.81 -3.25 8.70
CA VAL A 4 -7.25 -2.11 9.42
C VAL A 4 -6.21 -2.61 10.42
N ILE A 5 -5.55 -1.64 11.06
CA ILE A 5 -4.53 -1.97 12.05
C ILE A 5 -4.44 -0.83 13.08
N ASN A 6 -4.52 -1.23 14.34
CA ASN A 6 -4.45 -0.26 15.42
C ASN A 6 -3.31 -0.65 16.37
N GLY A 7 -2.47 0.33 16.68
CA GLY A 7 -1.35 0.10 17.57
C GLY A 7 -0.03 0.10 16.81
N GLU A 8 0.05 -0.81 15.84
CA GLU A 8 1.26 -0.92 15.04
C GLU A 8 0.92 -0.72 13.56
N GLN A 9 1.96 -0.51 12.77
CA GLN A 9 1.79 -0.29 11.34
C GLN A 9 3.15 -0.26 10.65
N ILE A 10 3.28 -1.12 9.63
CA ILE A 10 4.52 -1.21 8.88
C ILE A 10 4.31 -0.60 7.49
N ARG A 11 3.85 0.63 7.49
CA ARG A 11 3.60 1.33 6.24
C ARG A 11 4.87 2.04 5.75
N SER A 12 6.00 1.38 5.98
CA SER A 12 7.29 1.94 5.58
C SER A 12 7.69 1.40 4.20
N ILE A 13 7.66 2.29 3.22
CA ILE A 13 8.02 1.92 1.86
C ILE A 13 8.92 3.00 1.26
N SER A 14 8.45 4.24 1.38
CA SER A 14 9.20 5.36 0.85
C SER A 14 10.35 5.71 1.79
N ASP A 15 11.18 6.64 1.33
CA ASP A 15 12.33 7.07 2.12
C ASP A 15 13.25 5.87 2.37
N LEU A 16 13.10 4.86 1.52
CA LEU A 16 13.90 3.66 1.64
C LEU A 16 15.33 4.04 2.03
N HIS A 17 15.94 4.87 1.19
CA HIS A 17 17.30 5.31 1.44
C HIS A 17 17.29 6.78 1.86
N GLN A 18 16.21 7.16 2.54
CA GLN A 18 16.06 8.53 3.01
C GLN A 18 15.61 8.53 4.48
N THR A 19 16.38 9.25 5.28
CA THR A 19 16.08 9.34 6.70
C THR A 19 14.57 9.48 6.92
N LEU A 20 14.03 8.55 7.70
CA LEU A 20 12.61 8.56 8.00
C LEU A 20 11.86 7.88 6.85
N LYS A 1 -11.56 -7.24 1.47
CA LYS A 1 -10.27 -6.75 1.01
C LYS A 1 -9.79 -5.63 1.93
N LYS A 2 -8.50 -5.65 2.21
CA LYS A 2 -7.90 -4.65 3.08
C LYS A 2 -7.45 -3.45 2.24
N ALA A 3 -7.22 -2.34 2.92
CA ALA A 3 -6.79 -1.13 2.24
C ALA A 3 -5.28 -1.22 1.98
N VAL A 4 -4.78 -0.22 1.26
CA VAL A 4 -3.37 -0.17 0.93
C VAL A 4 -2.59 0.37 2.12
N ILE A 5 -1.33 -0.05 2.20
CA ILE A 5 -0.47 0.38 3.30
C ILE A 5 0.98 0.37 2.82
N ASN A 6 1.66 1.49 3.04
CA ASN A 6 3.05 1.62 2.65
C ASN A 6 3.89 2.01 3.87
N GLY A 7 4.97 1.27 4.06
CA GLY A 7 5.86 1.54 5.18
C GLY A 7 6.69 0.31 5.52
N GLU A 8 6.00 -0.78 5.82
CA GLU A 8 6.66 -2.03 6.17
C GLU A 8 6.59 -3.01 5.00
N GLN A 9 7.51 -3.95 5.01
CA GLN A 9 7.56 -4.96 3.95
C GLN A 9 8.59 -6.04 4.30
N ILE A 10 8.12 -7.28 4.28
CA ILE A 10 8.97 -8.41 4.59
C ILE A 10 9.25 -9.20 3.31
N ARG A 11 9.74 -8.48 2.32
CA ARG A 11 10.06 -9.10 1.04
C ARG A 11 11.49 -9.64 1.05
N SER A 12 11.88 -10.18 2.19
CA SER A 12 13.21 -10.73 2.35
C SER A 12 13.27 -12.13 1.75
N ILE A 13 13.95 -12.23 0.61
CA ILE A 13 14.09 -13.50 -0.08
C ILE A 13 14.36 -14.60 0.95
N SER A 14 15.51 -14.48 1.61
CA SER A 14 15.90 -15.45 2.62
C SER A 14 14.69 -15.86 3.45
N ASP A 15 14.41 -17.16 3.43
CA ASP A 15 13.29 -17.69 4.18
C ASP A 15 13.77 -18.16 5.55
N LEU A 16 14.90 -17.62 5.96
CA LEU A 16 15.48 -17.97 7.24
C LEU A 16 14.36 -18.12 8.27
N HIS A 17 13.61 -17.05 8.45
CA HIS A 17 12.51 -17.05 9.40
C HIS A 17 11.18 -17.08 8.64
N GLN A 18 11.22 -17.73 7.48
CA GLN A 18 10.02 -17.84 6.65
C GLN A 18 9.85 -19.28 6.17
N THR A 19 8.83 -19.94 6.70
CA THR A 19 8.55 -21.31 6.34
C THR A 19 8.75 -21.52 4.84
N LEU A 20 9.33 -22.65 4.50
CA LEU A 20 9.59 -22.98 3.10
C LEU A 20 8.26 -23.18 2.37
N LYS A 1 -11.56 -7.24 1.47
CA LYS A 1 -10.27 -6.75 1.01
C LYS A 1 -10.43 -6.19 -0.41
N LYS A 2 -10.92 -4.95 -0.48
CA LYS A 2 -11.12 -4.29 -1.75
C LYS A 2 -10.09 -3.16 -1.90
N ALA A 3 -9.44 -3.15 -3.05
CA ALA A 3 -8.43 -2.15 -3.33
C ALA A 3 -8.13 -2.14 -4.83
N VAL A 4 -7.35 -1.15 -5.24
CA VAL A 4 -6.97 -1.02 -6.64
C VAL A 4 -5.49 -1.35 -6.80
N ILE A 5 -5.05 -1.37 -8.05
CA ILE A 5 -3.66 -1.66 -8.36
C ILE A 5 -3.27 -0.96 -9.67
N ASN A 6 -2.17 -0.24 -9.61
CA ASN A 6 -1.67 0.48 -10.78
C ASN A 6 -0.23 0.07 -11.05
N GLY A 7 0.02 -0.29 -12.30
CA GLY A 7 1.35 -0.70 -12.70
C GLY A 7 1.76 -2.00 -12.01
N GLU A 8 1.17 -3.09 -12.47
CA GLU A 8 1.48 -4.39 -11.90
C GLU A 8 2.22 -5.26 -12.92
N GLN A 9 2.86 -6.31 -12.40
CA GLN A 9 3.62 -7.21 -13.24
C GLN A 9 4.09 -8.43 -12.44
N ILE A 10 3.74 -9.61 -12.93
CA ILE A 10 4.12 -10.84 -12.27
C ILE A 10 5.19 -11.55 -13.09
N ARG A 11 6.26 -10.81 -13.38
CA ARG A 11 7.36 -11.35 -14.16
C ARG A 11 8.37 -12.03 -13.24
N SER A 12 7.85 -12.69 -12.22
CA SER A 12 8.69 -13.39 -11.26
C SER A 12 7.84 -14.30 -10.38
N ILE A 13 8.49 -15.30 -9.80
CA ILE A 13 7.81 -16.25 -8.93
C ILE A 13 7.08 -15.47 -7.83
N SER A 14 5.76 -15.59 -7.86
CA SER A 14 4.93 -14.90 -6.88
C SER A 14 3.99 -15.91 -6.20
N ASP A 15 3.33 -15.45 -5.15
CA ASP A 15 2.41 -16.29 -4.42
C ASP A 15 0.98 -15.78 -4.64
N LEU A 16 0.80 -15.04 -5.73
CA LEU A 16 -0.49 -14.49 -6.06
C LEU A 16 -1.58 -15.52 -5.74
N HIS A 17 -1.45 -16.69 -6.35
CA HIS A 17 -2.41 -17.76 -6.14
C HIS A 17 -1.76 -18.86 -5.29
N GLN A 18 -0.85 -18.44 -4.43
CA GLN A 18 -0.16 -19.36 -3.56
C GLN A 18 -0.04 -18.79 -2.14
N THR A 19 0.07 -19.68 -1.17
CA THR A 19 0.19 -19.27 0.22
C THR A 19 1.49 -19.80 0.82
N LEU A 20 2.23 -18.90 1.42
CA LEU A 20 3.50 -19.25 2.03
C LEU A 20 3.24 -20.05 3.32
N LYS A 1 -11.56 -7.24 1.47
CA LYS A 1 -10.27 -6.75 1.01
C LYS A 1 -10.30 -5.22 0.94
N LYS A 2 -9.54 -4.60 1.83
CA LYS A 2 -9.48 -3.15 1.89
C LYS A 2 -8.01 -2.71 1.90
N ALA A 3 -7.36 -2.89 0.77
CA ALA A 3 -5.95 -2.52 0.64
C ALA A 3 -5.50 -2.74 -0.81
N VAL A 4 -4.30 -2.28 -1.09
CA VAL A 4 -3.73 -2.42 -2.42
C VAL A 4 -2.81 -3.65 -2.46
N ILE A 5 -2.60 -4.15 -3.67
CA ILE A 5 -1.74 -5.30 -3.85
C ILE A 5 -1.01 -5.19 -5.19
N ASN A 6 0.31 -5.31 -5.11
CA ASN A 6 1.14 -5.21 -6.30
C ASN A 6 1.99 -6.48 -6.42
N GLY A 7 1.93 -7.07 -7.61
CA GLY A 7 2.68 -8.29 -7.87
C GLY A 7 2.66 -8.64 -9.36
N GLU A 8 3.57 -8.03 -10.10
CA GLU A 8 3.66 -8.26 -11.53
C GLU A 8 4.56 -9.48 -11.82
N GLN A 9 4.19 -10.20 -12.86
CA GLN A 9 4.96 -11.37 -13.26
C GLN A 9 4.46 -11.91 -14.60
N ILE A 10 5.39 -12.05 -15.53
CA ILE A 10 5.06 -12.55 -16.86
C ILE A 10 5.61 -13.97 -17.01
N ARG A 11 5.22 -14.82 -16.09
CA ARG A 11 5.67 -16.20 -16.12
C ARG A 11 4.72 -17.05 -16.98
N SER A 12 4.26 -16.44 -18.06
CA SER A 12 3.36 -17.12 -18.97
C SER A 12 3.77 -16.87 -20.42
N ILE A 13 3.66 -17.91 -21.23
CA ILE A 13 4.02 -17.80 -22.63
C ILE A 13 2.76 -17.47 -23.45
N SER A 14 2.41 -16.20 -23.44
CA SER A 14 1.23 -15.73 -24.17
C SER A 14 1.50 -14.33 -24.74
N ASP A 15 1.57 -14.28 -26.07
CA ASP A 15 1.81 -13.02 -26.74
C ASP A 15 0.98 -12.96 -28.03
N LEU A 16 -0.07 -13.78 -28.06
CA LEU A 16 -0.94 -13.84 -29.21
C LEU A 16 -1.14 -12.43 -29.77
N HIS A 17 -1.64 -11.55 -28.92
CA HIS A 17 -1.88 -10.18 -29.32
C HIS A 17 -0.84 -9.27 -28.66
N GLN A 18 0.35 -9.83 -28.45
CA GLN A 18 1.42 -9.09 -27.83
C GLN A 18 2.75 -9.37 -28.54
N THR A 19 3.71 -8.50 -28.31
CA THR A 19 5.02 -8.65 -28.91
C THR A 19 6.12 -8.64 -27.85
N LEU A 20 7.10 -9.50 -28.04
CA LEU A 20 8.21 -9.60 -27.11
C LEU A 20 7.68 -9.97 -25.73
N LYS A 1 -11.56 -7.24 1.47
CA LYS A 1 -10.27 -6.75 1.01
C LYS A 1 -9.94 -5.44 1.72
N LYS A 2 -9.81 -5.52 3.03
CA LYS A 2 -9.50 -4.36 3.84
C LYS A 2 -8.02 -4.41 4.25
N ALA A 3 -7.42 -3.23 4.27
CA ALA A 3 -6.01 -3.13 4.65
C ALA A 3 -5.82 -1.91 5.56
N VAL A 4 -4.72 -1.95 6.31
CA VAL A 4 -4.41 -0.86 7.22
C VAL A 4 -3.19 -0.11 6.71
N ILE A 5 -2.98 1.07 7.27
CA ILE A 5 -1.85 1.90 6.88
C ILE A 5 -1.36 2.68 8.10
N ASN A 6 -0.06 2.55 8.35
CA ASN A 6 0.54 3.25 9.48
C ASN A 6 1.71 4.09 8.98
N GLY A 7 1.69 5.36 9.37
CA GLY A 7 2.74 6.29 8.97
C GLY A 7 3.91 6.24 9.94
N GLU A 8 3.94 7.21 10.84
CA GLU A 8 5.00 7.29 11.83
C GLU A 8 4.47 6.94 13.22
N GLN A 9 5.34 6.35 14.03
CA GLN A 9 4.95 5.97 15.38
C GLN A 9 6.19 5.49 16.16
N ILE A 10 6.41 6.11 17.30
CA ILE A 10 7.53 5.76 18.15
C ILE A 10 7.03 5.03 19.39
N ARG A 11 6.29 3.96 19.15
CA ARG A 11 5.75 3.16 20.23
C ARG A 11 6.74 2.09 20.66
N SER A 12 8.01 2.46 20.65
CA SER A 12 9.07 1.55 21.02
C SER A 12 10.42 2.27 21.00
N ILE A 13 11.29 1.86 21.92
CA ILE A 13 12.61 2.46 22.01
C ILE A 13 13.63 1.53 21.35
N SER A 14 13.67 1.58 20.04
CA SER A 14 14.59 0.76 19.27
C SER A 14 14.70 1.28 17.84
N ASP A 15 15.86 1.04 17.25
CA ASP A 15 16.11 1.48 15.88
C ASP A 15 16.07 3.01 15.83
N LEU A 16 16.28 3.61 16.99
CA LEU A 16 16.27 5.06 17.09
C LEU A 16 16.95 5.66 15.86
N HIS A 17 18.20 5.26 15.66
CA HIS A 17 18.97 5.75 14.52
C HIS A 17 19.13 4.63 13.50
N GLN A 18 18.12 3.77 13.45
CA GLN A 18 18.13 2.65 12.52
C GLN A 18 16.74 2.47 11.89
N THR A 19 16.75 1.95 10.68
CA THR A 19 15.50 1.72 9.95
C THR A 19 15.69 0.59 8.94
N LEU A 20 16.59 0.82 8.00
CA LEU A 20 16.86 -0.16 6.96
C LEU A 20 18.37 -0.34 6.82
N LYS A 1 -11.56 -7.24 1.47
CA LYS A 1 -10.27 -6.75 1.01
C LYS A 1 -9.80 -5.61 1.92
N LYS A 2 -9.05 -5.99 2.94
CA LYS A 2 -8.53 -5.02 3.89
C LYS A 2 -7.11 -5.41 4.28
N ALA A 3 -6.16 -5.07 3.41
CA ALA A 3 -4.77 -5.37 3.65
C ALA A 3 -4.11 -4.21 4.41
N VAL A 4 -2.87 -4.43 4.80
CA VAL A 4 -2.12 -3.41 5.52
C VAL A 4 -1.07 -2.80 4.58
N ILE A 5 -0.72 -1.55 4.88
CA ILE A 5 0.26 -0.85 4.08
C ILE A 5 1.07 0.10 4.99
N ASN A 6 2.38 -0.05 4.92
CA ASN A 6 3.26 0.78 5.73
C ASN A 6 4.26 1.49 4.81
N GLY A 7 4.34 2.81 4.98
CA GLY A 7 5.25 3.61 4.18
C GLY A 7 4.66 5.00 3.92
N GLU A 8 5.14 5.96 4.69
CA GLU A 8 4.69 7.33 4.55
C GLU A 8 5.43 8.04 3.42
N GLN A 9 4.69 8.88 2.70
CA GLN A 9 5.27 9.62 1.58
C GLN A 9 4.28 10.64 1.06
N ILE A 10 4.73 11.89 1.02
CA ILE A 10 3.89 12.98 0.54
C ILE A 10 4.39 13.43 -0.84
N ARG A 11 4.47 12.48 -1.75
CA ARG A 11 4.94 12.77 -3.10
C ARG A 11 3.76 13.20 -3.98
N SER A 12 2.85 13.94 -3.37
CA SER A 12 1.68 14.41 -4.09
C SER A 12 1.40 15.87 -3.73
N ILE A 13 1.60 16.74 -4.71
CA ILE A 13 1.37 18.17 -4.51
C ILE A 13 0.57 18.71 -5.69
N SER A 14 -0.69 19.02 -5.40
CA SER A 14 -1.59 19.54 -6.42
C SER A 14 -2.77 20.26 -5.76
N ASP A 15 -3.59 19.47 -5.06
CA ASP A 15 -4.75 20.01 -4.39
C ASP A 15 -5.68 20.65 -5.41
N LEU A 16 -5.52 20.23 -6.65
CA LEU A 16 -6.34 20.76 -7.73
C LEU A 16 -7.78 20.95 -7.23
N HIS A 17 -8.35 19.86 -6.76
CA HIS A 17 -9.72 19.89 -6.25
C HIS A 17 -9.70 19.77 -4.73
N GLN A 18 -8.62 20.28 -4.14
CA GLN A 18 -8.47 20.23 -2.70
C GLN A 18 -7.97 21.58 -2.16
N THR A 19 -8.75 22.15 -1.26
CA THR A 19 -8.41 23.43 -0.67
C THR A 19 -7.92 24.40 -1.76
N LEU A 20 -8.87 24.86 -2.56
CA LEU A 20 -8.55 25.79 -3.64
C LEU A 20 -8.57 27.22 -3.09
N LYS A 1 -11.56 -7.24 1.47
CA LYS A 1 -10.27 -6.75 1.01
C LYS A 1 -10.46 -6.06 -0.35
N LYS A 2 -9.74 -4.95 -0.52
CA LYS A 2 -9.82 -4.18 -1.75
C LYS A 2 -8.57 -3.30 -1.88
N ALA A 3 -7.45 -3.95 -2.16
CA ALA A 3 -6.20 -3.24 -2.30
C ALA A 3 -5.33 -3.94 -3.35
N VAL A 4 -4.21 -3.31 -3.68
CA VAL A 4 -3.30 -3.87 -4.66
C VAL A 4 -2.34 -4.82 -3.97
N ILE A 5 -1.51 -5.46 -4.78
CA ILE A 5 -0.54 -6.41 -4.26
C ILE A 5 0.73 -6.36 -5.13
N ASN A 6 1.86 -6.16 -4.46
CA ASN A 6 3.13 -6.09 -5.15
C ASN A 6 4.09 -7.12 -4.54
N GLY A 7 4.67 -7.92 -5.42
CA GLY A 7 5.60 -8.95 -5.00
C GLY A 7 4.87 -10.28 -4.73
N GLU A 8 4.26 -10.80 -5.79
CA GLU A 8 3.52 -12.04 -5.68
C GLU A 8 3.85 -12.96 -6.87
N GLN A 9 3.54 -14.23 -6.70
CA GLN A 9 3.79 -15.21 -7.74
C GLN A 9 3.18 -16.56 -7.36
N ILE A 10 2.35 -17.06 -8.26
CA ILE A 10 1.69 -18.34 -8.04
C ILE A 10 2.30 -19.39 -8.97
N ARG A 11 3.62 -19.53 -8.87
CA ARG A 11 4.33 -20.49 -9.68
C ARG A 11 4.37 -21.86 -8.99
N SER A 12 3.27 -22.18 -8.34
CA SER A 12 3.15 -23.45 -7.63
C SER A 12 1.78 -23.58 -6.99
N ILE A 13 0.82 -24.03 -7.81
CA ILE A 13 -0.54 -24.20 -7.34
C ILE A 13 -1.33 -24.99 -8.37
N SER A 14 -2.14 -25.92 -7.87
CA SER A 14 -2.96 -26.75 -8.74
C SER A 14 -4.42 -26.31 -8.67
N ASP A 15 -4.75 -25.33 -9.49
CA ASP A 15 -6.11 -24.81 -9.53
C ASP A 15 -6.48 -24.47 -10.97
N LEU A 16 -5.76 -25.10 -11.89
CA LEU A 16 -6.01 -24.88 -13.31
C LEU A 16 -7.51 -24.75 -13.55
N HIS A 17 -8.23 -25.81 -13.17
CA HIS A 17 -9.67 -25.82 -13.34
C HIS A 17 -10.35 -25.67 -11.98
N GLN A 18 -9.67 -24.95 -11.09
CA GLN A 18 -10.20 -24.71 -9.75
C GLN A 18 -9.96 -23.26 -9.34
N THR A 19 -10.94 -22.72 -8.63
CA THR A 19 -10.85 -21.34 -8.16
C THR A 19 -11.60 -21.18 -6.85
N LEU A 20 -10.90 -20.68 -5.85
CA LEU A 20 -11.49 -20.46 -4.54
C LEU A 20 -10.82 -19.25 -3.87
N LYS A 1 -11.56 -7.24 1.47
CA LYS A 1 -10.27 -6.75 1.01
C LYS A 1 -10.43 -6.15 -0.40
N LYS A 2 -10.27 -4.84 -0.46
CA LYS A 2 -10.38 -4.14 -1.73
C LYS A 2 -9.00 -3.71 -2.22
N ALA A 3 -8.90 -3.49 -3.52
CA ALA A 3 -7.65 -3.09 -4.13
C ALA A 3 -7.89 -2.64 -5.56
N VAL A 4 -8.30 -1.38 -5.69
CA VAL A 4 -8.58 -0.81 -7.00
C VAL A 4 -7.60 0.32 -7.28
N ILE A 5 -7.29 0.50 -8.56
CA ILE A 5 -6.36 1.54 -8.97
C ILE A 5 -6.79 2.07 -10.33
N ASN A 6 -6.94 3.39 -10.39
CA ASN A 6 -7.33 4.04 -11.63
C ASN A 6 -6.30 5.11 -11.99
N GLY A 7 -5.84 5.04 -13.23
CA GLY A 7 -4.85 5.99 -13.72
C GLY A 7 -3.46 5.34 -13.81
N GLU A 8 -3.20 4.74 -14.96
CA GLU A 8 -1.93 4.07 -15.18
C GLU A 8 -0.91 5.07 -15.76
N GLN A 9 -0.43 5.95 -14.89
CA GLN A 9 0.55 6.95 -15.29
C GLN A 9 1.07 7.70 -14.06
N ILE A 10 2.40 7.69 -13.94
CA ILE A 10 3.03 8.37 -12.82
C ILE A 10 3.75 9.62 -13.33
N ARG A 11 2.98 10.46 -14.02
CA ARG A 11 3.52 11.70 -14.56
C ARG A 11 3.42 12.82 -13.53
N SER A 12 3.64 12.45 -12.27
CA SER A 12 3.57 13.41 -11.19
C SER A 12 4.19 12.83 -9.92
N ILE A 13 4.95 13.66 -9.23
CA ILE A 13 5.59 13.22 -8.00
C ILE A 13 6.15 11.82 -8.18
N SER A 14 7.02 11.68 -9.17
CA SER A 14 7.63 10.39 -9.47
C SER A 14 8.99 10.28 -8.77
N ASP A 15 9.43 9.05 -8.59
CA ASP A 15 10.71 8.79 -7.96
C ASP A 15 10.69 9.36 -6.54
N LEU A 16 9.48 9.54 -6.02
CA LEU A 16 9.31 10.07 -4.68
C LEU A 16 10.39 9.51 -3.77
N HIS A 17 10.41 8.18 -3.68
CA HIS A 17 11.37 7.50 -2.84
C HIS A 17 12.42 6.82 -3.72
N GLN A 18 12.68 7.44 -4.87
CA GLN A 18 13.65 6.91 -5.80
C GLN A 18 14.50 8.04 -6.39
N THR A 19 15.59 7.65 -7.04
CA THR A 19 16.49 8.62 -7.64
C THR A 19 17.18 8.01 -8.86
N LEU A 20 17.17 8.77 -9.94
CA LEU A 20 17.79 8.33 -11.18
C LEU A 20 19.31 8.45 -11.06
N LYS A 1 -11.56 -7.24 1.47
CA LYS A 1 -10.27 -6.75 1.01
C LYS A 1 -10.18 -5.24 1.24
N LYS A 2 -8.96 -4.73 1.21
CA LYS A 2 -8.72 -3.32 1.42
C LYS A 2 -8.69 -2.60 0.07
N ALA A 3 -9.54 -1.60 -0.06
CA ALA A 3 -9.61 -0.84 -1.30
C ALA A 3 -9.45 0.65 -0.98
N VAL A 4 -9.05 1.40 -2.00
CA VAL A 4 -8.85 2.83 -1.83
C VAL A 4 -10.19 3.55 -2.03
N ILE A 5 -10.21 4.81 -1.63
CA ILE A 5 -11.42 5.61 -1.75
C ILE A 5 -11.02 7.07 -2.03
N ASN A 6 -11.59 7.61 -3.10
CA ASN A 6 -11.32 8.98 -3.48
C ASN A 6 -12.63 9.75 -3.57
N GLY A 7 -12.66 10.89 -2.90
CA GLY A 7 -13.84 11.74 -2.90
C GLY A 7 -13.59 13.04 -2.15
N GLU A 8 -13.19 14.06 -2.89
CA GLU A 8 -12.92 15.36 -2.31
C GLU A 8 -14.19 16.19 -2.24
N GLN A 9 -14.56 16.54 -1.02
CA GLN A 9 -15.76 17.34 -0.80
C GLN A 9 -15.86 17.76 0.67
N ILE A 10 -16.01 19.06 0.86
CA ILE A 10 -16.11 19.61 2.22
C ILE A 10 -17.55 20.05 2.46
N ARG A 11 -18.46 19.09 2.35
CA ARG A 11 -19.88 19.38 2.57
C ARG A 11 -20.24 19.19 4.04
N SER A 12 -19.31 19.58 4.90
CA SER A 12 -19.52 19.47 6.34
C SER A 12 -20.15 20.75 6.87
N ILE A 13 -20.58 20.67 8.12
CA ILE A 13 -21.21 21.81 8.77
C ILE A 13 -20.33 23.05 8.59
N SER A 14 -19.18 23.02 9.24
CA SER A 14 -18.23 24.13 9.15
C SER A 14 -16.83 23.65 9.53
N ASP A 15 -15.84 24.35 9.01
CA ASP A 15 -14.46 24.01 9.27
C ASP A 15 -13.72 25.26 9.78
N LEU A 16 -14.50 26.20 10.29
CA LEU A 16 -13.94 27.44 10.81
C LEU A 16 -12.63 27.13 11.54
N HIS A 17 -12.75 26.28 12.54
CA HIS A 17 -11.59 25.90 13.33
C HIS A 17 -11.18 24.45 12.99
N GLN A 18 -11.43 24.09 11.74
CA GLN A 18 -11.11 22.76 11.27
C GLN A 18 -10.49 22.81 9.87
N THR A 19 -9.60 21.88 9.62
CA THR A 19 -8.93 21.82 8.32
C THR A 19 -9.02 20.40 7.75
N LEU A 20 -8.96 20.33 6.42
CA LEU A 20 -9.03 19.06 5.73
C LEU A 20 -10.22 18.26 6.27
#